data_7CER
#
_entry.id   7CER
#
_cell.length_a   92.500
_cell.length_b   92.500
_cell.length_c   128.200
_cell.angle_alpha   90.000
_cell.angle_beta   90.000
_cell.angle_gamma   120.000
#
_symmetry.space_group_name_H-M   'P 31 2 1'
#
loop_
_entity.id
_entity.type
_entity.pdbx_description
1 polymer 'Cysteine desulfurase SufS'
2 non-polymer D-[3-HYDROXY-2-METHYL-5-PHOSPHONOOXYMETHYL-PYRIDIN-4-YLMETHYL]-N,O-CYCLOSERYLAMIDE
3 non-polymer 'TRIETHYLENE GLYCOL'
4 non-polymer DI(HYDROXYETHYL)ETHER
5 water water
#
_entity_poly.entity_id   1
_entity_poly.type   'polypeptide(L)'
_entity_poly.pdbx_seq_one_letter_code
;MGHMNITDIREQFPILHQQVNGHDLVYLDSAATSQKPRAVIETLDKYYNQYNSNVHRGVHTLGTRATDGYEGAREKVRKF
INAKSMAEIIFTKGTTTSLNMVALSYARANLKPGDEVVITYMEAHANIIPWQQAVKATGATLKYIPLQEDGTISLEDVRE
TVTSNTKIVAVSHVSNVLGTVNPIKEMAKIAHDNGAVIVVDGAQSTPHMKIDVQDLDCDFFALSSHKMCGPTGVGVLYGK
KALLENMEPAEFGGEMIDFVGLYESTWKELPWKFEAGTPIIAGAIGLGAAIDFLEEIGLDEISRHEHKLAAYALERFRQL
DGVTVYGPEERAGLVTFNLDDVHPHDVATVLDAEGIAVRAGHHCAQPLMKWLDVTATARASFYLYNTEEEIDKLVEALQK
TKEYFTNVFVDLEHHHHHH
;
_entity_poly.pdbx_strand_id   A
#
loop_
_chem_comp.id
_chem_comp.type
_chem_comp.name
_chem_comp.formula
DCS non-polymer D-[3-HYDROXY-2-METHYL-5-PHOSPHONOOXYMETHYL-PYRIDIN-4-YLMETHYL]-N,O-CYCLOSERYLAMIDE 'C11 H16 N3 O7 P'
PEG non-polymer DI(HYDROXYETHYL)ETHER 'C4 H10 O3'
PGE non-polymer 'TRIETHYLENE GLYCOL' 'C6 H14 O4'
#
# COMPACT_ATOMS: atom_id res chain seq x y z
N GLY A 2 -11.45 -12.26 18.77
CA GLY A 2 -11.28 -11.21 19.76
C GLY A 2 -10.09 -11.42 20.67
N HIS A 3 -9.08 -12.11 20.15
CA HIS A 3 -7.88 -12.39 20.95
C HIS A 3 -7.01 -11.17 21.15
N MET A 4 -7.21 -10.11 20.36
CA MET A 4 -6.31 -8.98 20.35
C MET A 4 -6.60 -8.02 21.50
N ASN A 5 -5.57 -7.67 22.25
CA ASN A 5 -5.64 -6.65 23.29
C ASN A 5 -5.04 -5.37 22.71
N ILE A 6 -5.89 -4.36 22.49
CA ILE A 6 -5.45 -3.16 21.78
C ILE A 6 -4.57 -2.30 22.68
N THR A 7 -4.78 -2.34 24.01
CA THR A 7 -3.91 -1.59 24.91
C THR A 7 -2.50 -2.15 24.91
N ASP A 8 -2.37 -3.47 24.98
CA ASP A 8 -1.06 -4.11 24.92
C ASP A 8 -0.38 -3.83 23.58
N ILE A 9 -1.16 -3.67 22.51
CA ILE A 9 -0.59 -3.35 21.20
C ILE A 9 -0.09 -1.90 21.18
N ARG A 10 -0.92 -0.98 21.67
CA ARG A 10 -0.51 0.43 21.71
C ARG A 10 0.70 0.64 22.60
N GLU A 11 0.87 -0.20 23.62
CA GLU A 11 2.02 -0.08 24.51
CA GLU A 11 2.02 -0.06 24.50
C GLU A 11 3.34 -0.26 23.75
N GLN A 12 3.31 -0.97 22.63
CA GLN A 12 4.52 -1.25 21.85
CA GLN A 12 4.52 -1.24 21.86
C GLN A 12 4.85 -0.14 20.86
N PHE A 13 3.97 0.85 20.69
CA PHE A 13 4.22 1.95 19.75
C PHE A 13 4.52 3.22 20.53
N PRO A 14 5.80 3.57 20.72
CA PRO A 14 6.11 4.76 21.53
C PRO A 14 5.58 6.05 20.96
N ILE A 15 5.43 6.16 19.64
CA ILE A 15 5.04 7.42 19.03
C ILE A 15 3.59 7.79 19.34
N LEU A 16 2.77 6.82 19.75
CA LEU A 16 1.38 7.12 20.07
C LEU A 16 1.23 7.86 21.39
N HIS A 17 2.24 7.81 22.26
CA HIS A 17 2.12 8.33 23.61
C HIS A 17 2.77 9.71 23.70
N GLN A 18 2.10 10.67 23.05
CA GLN A 18 2.54 12.06 23.06
C GLN A 18 1.32 12.94 22.83
N GLN A 19 1.51 14.24 23.06
CA GLN A 19 0.45 15.22 22.86
C GLN A 19 0.80 16.12 21.68
N VAL A 20 -0.24 16.59 21.00
CA VAL A 20 -0.10 17.53 19.89
C VAL A 20 -1.06 18.69 20.15
N ASN A 21 -0.50 19.89 20.26
CA ASN A 21 -1.28 21.10 20.53
C ASN A 21 -2.08 20.97 21.83
N GLY A 22 -1.49 20.28 22.82
CA GLY A 22 -2.11 20.11 24.11
C GLY A 22 -3.10 18.96 24.20
N HIS A 23 -3.36 18.26 23.11
CA HIS A 23 -4.28 17.14 23.10
C HIS A 23 -3.53 15.84 22.83
N ASP A 24 -4.02 14.76 23.42
CA ASP A 24 -3.46 13.44 23.15
C ASP A 24 -3.50 13.16 21.65
N LEU A 25 -2.40 12.62 21.14
CA LEU A 25 -2.30 12.35 19.71
C LEU A 25 -3.32 11.29 19.30
N VAL A 26 -4.07 11.58 18.23
CA VAL A 26 -5.01 10.64 17.64
C VAL A 26 -4.57 10.46 16.19
N TYR A 27 -3.74 9.44 15.94
CA TYR A 27 -3.18 9.22 14.62
C TYR A 27 -4.15 8.38 13.79
N LEU A 28 -4.84 9.03 12.85
CA LEU A 28 -5.76 8.35 11.96
C LEU A 28 -5.34 8.53 10.51
N ASP A 29 -4.05 8.31 10.23
CA ASP A 29 -3.48 8.54 8.91
C ASP A 29 -2.60 7.37 8.47
N SER A 30 -2.95 6.15 8.87
CA SER A 30 -2.09 5.00 8.60
C SER A 30 -2.11 4.59 7.14
N ALA A 31 -3.10 5.02 6.36
CA ALA A 31 -3.06 4.77 4.92
C ALA A 31 -1.96 5.59 4.26
N ALA A 32 -1.61 6.73 4.82
CA ALA A 32 -0.46 7.48 4.33
C ALA A 32 0.84 6.79 4.71
N THR A 33 1.00 6.48 5.99
CA THR A 33 2.10 5.66 6.47
C THR A 33 1.76 5.13 7.86
N SER A 34 2.31 3.98 8.19
CA SER A 34 2.04 3.33 9.46
C SER A 34 3.10 3.70 10.50
N GLN A 35 2.76 3.46 11.75
CA GLN A 35 3.71 3.64 12.84
C GLN A 35 4.37 2.30 13.18
N LYS A 36 5.49 2.37 13.91
CA LYS A 36 6.30 1.19 14.12
C LYS A 36 6.30 0.75 15.57
N PRO A 37 6.23 -0.55 15.83
CA PRO A 37 6.38 -1.05 17.19
C PRO A 37 7.85 -1.10 17.59
N ARG A 38 8.08 -1.32 18.89
CA ARG A 38 9.44 -1.38 19.41
CA ARG A 38 9.44 -1.38 19.41
C ARG A 38 10.24 -2.52 18.78
N ALA A 39 9.56 -3.59 18.37
CA ALA A 39 10.26 -4.73 17.77
C ALA A 39 11.02 -4.30 16.52
N VAL A 40 10.39 -3.50 15.65
CA VAL A 40 11.02 -3.09 14.40
C VAL A 40 12.16 -2.11 14.66
N ILE A 41 11.90 -1.09 15.47
CA ILE A 41 12.92 -0.09 15.76
C ILE A 41 14.14 -0.73 16.43
N GLU A 42 13.89 -1.65 17.37
CA GLU A 42 14.99 -2.31 18.05
C GLU A 42 15.69 -3.32 17.14
N THR A 43 14.98 -3.86 16.13
CA THR A 43 15.66 -4.66 15.12
C THR A 43 16.66 -3.81 14.34
N LEU A 44 16.23 -2.62 13.91
CA LEU A 44 17.15 -1.70 13.24
C LEU A 44 18.33 -1.34 14.16
N ASP A 45 18.04 -1.09 15.43
CA ASP A 45 19.08 -0.75 16.39
C ASP A 45 20.09 -1.88 16.54
N LYS A 46 19.59 -3.11 16.69
CA LYS A 46 20.49 -4.26 16.85
C LYS A 46 21.33 -4.46 15.60
N TYR A 47 20.74 -4.26 14.42
CA TYR A 47 21.52 -4.39 13.19
C TYR A 47 22.66 -3.39 13.17
N TYR A 48 22.34 -2.11 13.40
CA TYR A 48 23.39 -1.09 13.31
C TYR A 48 24.39 -1.17 14.47
N ASN A 49 23.99 -1.76 15.59
CA ASN A 49 24.85 -1.85 16.76
C ASN A 49 25.70 -3.12 16.80
N GLN A 50 25.33 -4.14 16.03
CA GLN A 50 25.96 -5.43 16.31
C GLN A 50 26.51 -6.14 15.09
N TYR A 51 25.84 -6.08 13.93
CA TYR A 51 26.28 -6.89 12.80
C TYR A 51 26.05 -6.23 11.45
N ASN A 52 26.11 -4.90 11.39
CA ASN A 52 26.05 -4.22 10.10
C ASN A 52 27.30 -4.55 9.29
N SER A 53 27.09 -4.92 8.03
CA SER A 53 28.17 -5.23 7.08
C SER A 53 27.50 -5.41 5.73
N ASN A 54 28.32 -5.40 4.67
CA ASN A 54 27.77 -5.70 3.36
C ASN A 54 27.47 -7.19 3.26
N VAL A 55 26.54 -7.53 2.37
CA VAL A 55 25.97 -8.86 2.33
C VAL A 55 26.46 -9.59 1.09
N HIS A 56 26.24 -10.92 1.07
CA HIS A 56 26.42 -11.79 -0.10
C HIS A 56 27.90 -12.01 -0.43
N ARG A 57 28.68 -12.40 0.59
CA ARG A 57 30.09 -12.72 0.40
C ARG A 57 30.50 -13.87 1.32
N GLY A 58 29.98 -13.88 2.54
CA GLY A 58 30.37 -14.89 3.50
C GLY A 58 31.86 -14.90 3.81
N VAL A 59 32.47 -13.72 3.83
CA VAL A 59 33.91 -13.61 4.00
C VAL A 59 34.30 -13.50 5.47
N HIS A 60 33.67 -12.58 6.20
CA HIS A 60 33.91 -12.43 7.63
C HIS A 60 32.59 -12.55 8.39
N THR A 61 32.71 -12.58 9.72
CA THR A 61 31.60 -12.98 10.58
C THR A 61 30.42 -12.00 10.47
N LEU A 62 30.70 -10.70 10.60
CA LEU A 62 29.63 -9.71 10.52
C LEU A 62 28.98 -9.72 9.15
N GLY A 63 29.77 -9.90 8.09
CA GLY A 63 29.18 -10.02 6.77
C GLY A 63 28.26 -11.21 6.65
N THR A 64 28.65 -12.34 7.23
CA THR A 64 27.80 -13.52 7.21
C THR A 64 26.51 -13.28 7.98
N ARG A 65 26.60 -12.63 9.13
CA ARG A 65 25.39 -12.37 9.92
C ARG A 65 24.46 -11.40 9.18
N ALA A 66 25.01 -10.38 8.52
CA ALA A 66 24.19 -9.45 7.75
C ALA A 66 23.52 -10.16 6.58
N THR A 67 24.27 -11.00 5.85
CA THR A 67 23.70 -11.76 4.75
C THR A 67 22.58 -12.67 5.24
N ASP A 68 22.81 -13.36 6.37
CA ASP A 68 21.79 -14.24 6.93
C ASP A 68 20.53 -13.46 7.28
N GLY A 69 20.69 -12.29 7.90
CA GLY A 69 19.52 -11.48 8.22
C GLY A 69 18.76 -11.05 6.98
N TYR A 70 19.47 -10.59 5.95
CA TYR A 70 18.83 -10.11 4.73
C TYR A 70 18.06 -11.23 4.04
N GLU A 71 18.72 -12.37 3.81
CA GLU A 71 18.04 -13.45 3.10
C GLU A 71 16.96 -14.11 3.96
N GLY A 72 17.12 -14.10 5.29
CA GLY A 72 16.05 -14.58 6.14
C GLY A 72 14.84 -13.68 6.10
N ALA A 73 15.05 -12.37 5.99
CA ALA A 73 13.92 -11.46 5.78
C ALA A 73 13.25 -11.75 4.44
N ARG A 74 14.03 -12.08 3.41
CA ARG A 74 13.44 -12.47 2.14
C ARG A 74 12.54 -13.69 2.30
N GLU A 75 13.03 -14.72 3.03
CA GLU A 75 12.22 -15.91 3.25
C GLU A 75 10.97 -15.59 4.07
N LYS A 76 11.10 -14.70 5.06
CA LYS A 76 9.95 -14.27 5.83
C LYS A 76 8.89 -13.65 4.93
N VAL A 77 9.30 -12.78 4.00
CA VAL A 77 8.35 -12.20 3.05
C VAL A 77 7.69 -13.30 2.23
N ARG A 78 8.51 -14.22 1.70
CA ARG A 78 7.98 -15.30 0.87
C ARG A 78 6.86 -16.05 1.57
N LYS A 79 7.10 -16.44 2.83
CA LYS A 79 6.05 -17.16 3.55
C LYS A 79 4.90 -16.23 3.95
N PHE A 80 5.18 -14.93 4.13
CA PHE A 80 4.15 -13.99 4.53
C PHE A 80 3.09 -13.83 3.45
N ILE A 81 3.52 -13.78 2.18
CA ILE A 81 2.56 -13.70 1.08
C ILE A 81 2.33 -15.04 0.42
N ASN A 82 2.89 -16.12 0.98
CA ASN A 82 2.72 -17.49 0.48
C ASN A 82 3.23 -17.65 -0.95
N ALA A 83 4.37 -17.03 -1.24
CA ALA A 83 5.02 -17.26 -2.52
C ALA A 83 5.66 -18.64 -2.54
N LYS A 84 5.82 -19.17 -3.76
CA LYS A 84 6.41 -20.50 -3.90
C LYS A 84 7.91 -20.48 -3.62
N SER A 85 8.59 -19.40 -4.01
CA SER A 85 10.05 -19.37 -3.98
C SER A 85 10.55 -17.99 -3.62
N MET A 86 11.70 -17.96 -2.94
CA MET A 86 12.39 -16.70 -2.68
C MET A 86 12.85 -16.03 -3.97
N ALA A 87 13.02 -16.80 -5.05
CA ALA A 87 13.37 -16.22 -6.33
C ALA A 87 12.27 -15.31 -6.86
N GLU A 88 11.06 -15.41 -6.31
CA GLU A 88 9.94 -14.56 -6.71
C GLU A 88 9.79 -13.33 -5.83
N ILE A 89 10.66 -13.15 -4.84
CA ILE A 89 10.58 -12.05 -3.90
C ILE A 89 11.75 -11.11 -4.18
N ILE A 90 11.45 -9.90 -4.65
CA ILE A 90 12.46 -8.91 -4.96
C ILE A 90 12.29 -7.73 -4.01
N PHE A 91 13.36 -7.37 -3.30
CA PHE A 91 13.34 -6.19 -2.45
C PHE A 91 13.54 -4.95 -3.30
N THR A 92 12.64 -3.98 -3.13
CA THR A 92 12.70 -2.73 -3.89
C THR A 92 12.61 -1.52 -2.97
N LYS A 93 12.50 -0.34 -3.56
CA LYS A 93 12.33 0.89 -2.77
C LYS A 93 10.90 1.04 -2.25
N GLY A 94 9.94 0.39 -2.89
CA GLY A 94 8.55 0.50 -2.47
C GLY A 94 7.63 0.02 -3.56
N THR A 95 6.32 0.14 -3.27
CA THR A 95 5.30 -0.28 -4.24
C THR A 95 5.49 0.44 -5.57
N THR A 96 5.74 1.75 -5.53
CA THR A 96 5.89 2.53 -6.75
C THR A 96 7.04 2.01 -7.59
N THR A 97 8.18 1.73 -6.96
CA THR A 97 9.33 1.22 -7.70
C THR A 97 9.05 -0.16 -8.28
N SER A 98 8.34 -1.02 -7.54
CA SER A 98 8.00 -2.34 -8.07
C SER A 98 7.08 -2.24 -9.28
N LEU A 99 6.06 -1.39 -9.20
CA LEU A 99 5.16 -1.22 -10.35
C LEU A 99 5.91 -0.64 -11.54
N ASN A 100 6.84 0.30 -11.29
CA ASN A 100 7.65 0.84 -12.37
C ASN A 100 8.55 -0.22 -12.98
N MET A 101 9.06 -1.13 -12.15
CA MET A 101 9.88 -2.22 -12.66
C MET A 101 9.07 -3.14 -13.56
N VAL A 102 7.84 -3.44 -13.16
CA VAL A 102 6.98 -4.26 -14.02
C VAL A 102 6.70 -3.53 -15.32
N ALA A 103 6.43 -2.22 -15.25
CA ALA A 103 6.13 -1.46 -16.46
C ALA A 103 7.33 -1.37 -17.39
N LEU A 104 8.55 -1.32 -16.84
CA LEU A 104 9.74 -1.15 -17.66
C LEU A 104 10.21 -2.49 -18.23
N SER A 105 10.36 -3.49 -17.37
CA SER A 105 10.94 -4.76 -17.77
C SER A 105 9.95 -5.71 -18.43
N TYR A 106 8.66 -5.61 -18.10
CA TYR A 106 7.66 -6.46 -18.72
C TYR A 106 6.82 -5.74 -19.76
N ALA A 107 6.22 -4.61 -19.39
CA ALA A 107 5.28 -3.94 -20.29
C ALA A 107 5.99 -3.43 -21.55
N ARG A 108 7.08 -2.67 -21.37
CA ARG A 108 7.77 -2.09 -22.51
C ARG A 108 8.43 -3.15 -23.39
N ALA A 109 8.51 -4.40 -22.94
CA ALA A 109 9.08 -5.48 -23.74
C ALA A 109 8.03 -6.44 -24.29
N ASN A 110 6.75 -6.28 -23.93
CA ASN A 110 5.71 -7.20 -24.35
C ASN A 110 4.51 -6.49 -24.94
N LEU A 111 4.64 -5.22 -25.30
CA LEU A 111 3.54 -4.42 -25.84
C LEU A 111 3.87 -3.97 -27.24
N LYS A 112 2.92 -4.15 -28.15
CA LYS A 112 2.99 -3.68 -29.53
C LYS A 112 1.74 -2.87 -29.81
N PRO A 113 1.72 -2.12 -30.92
CA PRO A 113 0.49 -1.43 -31.31
C PRO A 113 -0.67 -2.40 -31.43
N GLY A 114 -1.81 -2.01 -30.87
CA GLY A 114 -2.96 -2.87 -30.78
C GLY A 114 -3.13 -3.57 -29.44
N ASP A 115 -2.04 -3.73 -28.69
CA ASP A 115 -2.14 -4.32 -27.36
C ASP A 115 -2.79 -3.34 -26.39
N GLU A 116 -3.39 -3.89 -25.35
CA GLU A 116 -4.12 -3.11 -24.37
C GLU A 116 -3.57 -3.35 -22.97
N VAL A 117 -3.42 -2.26 -22.22
CA VAL A 117 -3.20 -2.32 -20.77
C VAL A 117 -4.44 -1.74 -20.11
N VAL A 118 -5.04 -2.52 -19.21
CA VAL A 118 -6.34 -2.18 -18.65
C VAL A 118 -6.17 -1.89 -17.16
N ILE A 119 -6.56 -0.69 -16.74
CA ILE A 119 -6.55 -0.32 -15.33
C ILE A 119 -7.95 0.15 -14.93
N THR A 120 -8.07 0.76 -13.76
CA THR A 120 -9.34 1.24 -13.24
C THR A 120 -9.25 2.73 -12.93
N TYR A 121 -10.43 3.33 -12.71
CA TYR A 121 -10.50 4.74 -12.36
C TYR A 121 -10.06 5.02 -10.93
N MET A 122 -10.05 4.01 -10.06
CA MET A 122 -9.75 4.18 -8.66
C MET A 122 -8.28 3.98 -8.33
N GLU A 123 -7.43 3.78 -9.33
CA GLU A 123 -6.03 3.47 -9.08
C GLU A 123 -5.27 4.70 -8.58
N ALA A 124 -4.35 4.48 -7.65
CA ALA A 124 -3.42 5.52 -7.26
C ALA A 124 -2.46 5.82 -8.41
N HIS A 125 -1.76 6.95 -8.30
CA HIS A 125 -0.89 7.38 -9.39
C HIS A 125 0.24 6.38 -9.64
N ALA A 126 0.67 5.66 -8.61
CA ALA A 126 1.72 4.66 -8.80
C ALA A 126 1.27 3.56 -9.76
N ASN A 127 -0.03 3.31 -9.86
CA ASN A 127 -0.59 2.31 -10.75
C ASN A 127 -1.27 2.93 -11.97
N ILE A 128 -0.81 4.12 -12.39
CA ILE A 128 -1.38 4.80 -13.54
C ILE A 128 -0.27 5.32 -14.45
N ILE A 129 0.61 6.16 -13.89
CA ILE A 129 1.62 6.83 -14.72
C ILE A 129 2.58 5.84 -15.39
N PRO A 130 3.09 4.80 -14.70
CA PRO A 130 3.98 3.86 -15.41
C PRO A 130 3.32 3.22 -16.61
N TRP A 131 2.03 2.87 -16.51
CA TRP A 131 1.34 2.27 -17.64
C TRP A 131 1.10 3.27 -18.76
N GLN A 132 0.81 4.53 -18.40
CA GLN A 132 0.74 5.59 -19.39
C GLN A 132 2.05 5.65 -20.19
N GLN A 133 3.17 5.79 -19.49
CA GLN A 133 4.45 5.91 -20.15
C GLN A 133 4.79 4.67 -20.97
N ALA A 134 4.41 3.49 -20.47
CA ALA A 134 4.71 2.24 -21.17
C ALA A 134 3.94 2.14 -22.49
N VAL A 135 2.63 2.38 -22.44
CA VAL A 135 1.84 2.28 -23.67
C VAL A 135 2.20 3.41 -24.63
N LYS A 136 2.70 4.54 -24.11
CA LYS A 136 3.19 5.58 -25.02
C LYS A 136 4.49 5.16 -25.70
N ALA A 137 5.40 4.56 -24.94
CA ALA A 137 6.66 4.10 -25.52
C ALA A 137 6.45 2.97 -26.52
N THR A 138 5.43 2.14 -26.31
CA THR A 138 5.16 1.01 -27.17
C THR A 138 4.07 1.26 -28.21
N GLY A 139 3.39 2.40 -28.14
CA GLY A 139 2.29 2.64 -29.05
C GLY A 139 1.05 1.82 -28.77
N ALA A 140 0.95 1.25 -27.56
CA ALA A 140 -0.20 0.44 -27.19
C ALA A 140 -1.35 1.36 -26.77
N THR A 141 -2.41 0.77 -26.20
CA THR A 141 -3.60 1.51 -25.82
C THR A 141 -3.91 1.26 -24.35
N LEU A 142 -4.23 2.33 -23.62
CA LEU A 142 -4.60 2.25 -22.23
C LEU A 142 -6.11 2.36 -22.08
N LYS A 143 -6.70 1.41 -21.36
CA LYS A 143 -8.15 1.38 -21.14
C LYS A 143 -8.44 1.38 -19.64
N TYR A 144 -9.65 1.84 -19.30
CA TYR A 144 -10.07 1.99 -17.91
C TYR A 144 -11.33 1.15 -17.67
N ILE A 145 -11.32 0.38 -16.61
CA ILE A 145 -12.53 -0.32 -16.17
C ILE A 145 -13.42 0.67 -15.43
N PRO A 146 -14.68 0.83 -15.83
CA PRO A 146 -15.57 1.74 -15.11
C PRO A 146 -15.89 1.21 -13.72
N LEU A 147 -16.44 2.10 -12.90
CA LEU A 147 -16.82 1.76 -11.53
C LEU A 147 -18.32 1.90 -11.34
N GLN A 148 -18.86 1.09 -10.44
CA GLN A 148 -20.26 1.25 -10.05
C GLN A 148 -20.43 2.55 -9.27
N GLU A 149 -21.69 2.89 -8.97
CA GLU A 149 -21.95 4.14 -8.28
C GLU A 149 -21.51 4.11 -6.83
N ASP A 150 -21.29 2.93 -6.25
CA ASP A 150 -20.80 2.82 -4.89
C ASP A 150 -19.29 2.68 -4.81
N GLY A 151 -18.58 2.89 -5.92
CA GLY A 151 -17.13 2.82 -5.93
C GLY A 151 -16.54 1.44 -6.04
N THR A 152 -17.33 0.45 -6.41
CA THR A 152 -16.85 -0.92 -6.61
C THR A 152 -16.77 -1.24 -8.09
N ILE A 153 -16.20 -2.40 -8.39
CA ILE A 153 -16.01 -2.86 -9.77
C ILE A 153 -16.85 -4.12 -9.97
N SER A 154 -17.61 -4.15 -11.05
CA SER A 154 -18.37 -5.33 -11.42
C SER A 154 -17.54 -6.23 -12.31
N LEU A 155 -17.70 -7.54 -12.14
CA LEU A 155 -16.92 -8.49 -12.93
C LEU A 155 -17.31 -8.44 -14.41
N GLU A 156 -18.57 -8.13 -14.70
CA GLU A 156 -18.98 -8.03 -16.10
C GLU A 156 -18.34 -6.83 -16.79
N ASP A 157 -18.16 -5.74 -16.06
CA ASP A 157 -17.42 -4.60 -16.61
C ASP A 157 -15.97 -4.99 -16.91
N VAL A 158 -15.40 -5.85 -16.07
CA VAL A 158 -14.05 -6.35 -16.33
C VAL A 158 -14.02 -7.20 -17.59
N ARG A 159 -14.98 -8.12 -17.71
CA ARG A 159 -15.04 -8.96 -18.91
C ARG A 159 -15.28 -8.14 -20.16
N GLU A 160 -15.97 -7.01 -20.04
CA GLU A 160 -16.17 -6.12 -21.17
C GLU A 160 -14.91 -5.36 -21.54
N THR A 161 -14.22 -4.80 -20.54
CA THR A 161 -13.03 -3.99 -20.81
C THR A 161 -11.86 -4.86 -21.27
N VAL A 162 -11.62 -5.97 -20.58
CA VAL A 162 -10.54 -6.87 -20.95
C VAL A 162 -10.95 -7.63 -22.21
N THR A 163 -10.13 -7.54 -23.24
CA THR A 163 -10.36 -8.20 -24.52
C THR A 163 -9.21 -9.15 -24.84
N SER A 164 -9.32 -9.80 -26.00
CA SER A 164 -8.24 -10.68 -26.46
C SER A 164 -6.97 -9.90 -26.81
N ASN A 165 -7.06 -8.58 -26.96
CA ASN A 165 -5.89 -7.75 -27.19
C ASN A 165 -5.25 -7.23 -25.91
N THR A 166 -5.88 -7.48 -24.76
CA THR A 166 -5.33 -7.04 -23.49
C THR A 166 -4.16 -7.94 -23.08
N LYS A 167 -3.03 -7.33 -22.75
CA LYS A 167 -1.85 -8.05 -22.29
C LYS A 167 -1.58 -7.89 -20.81
N ILE A 168 -1.98 -6.76 -20.22
CA ILE A 168 -1.73 -6.50 -18.81
C ILE A 168 -2.99 -5.89 -18.21
N VAL A 169 -3.41 -6.41 -17.05
CA VAL A 169 -4.49 -5.83 -16.25
C VAL A 169 -3.86 -5.41 -14.93
N ALA A 170 -3.78 -4.10 -14.70
CA ALA A 170 -3.19 -3.55 -13.48
C ALA A 170 -4.30 -2.99 -12.61
N VAL A 171 -4.40 -3.47 -11.38
CA VAL A 171 -5.53 -3.14 -10.52
C VAL A 171 -5.08 -3.10 -9.07
N SER A 172 -5.76 -2.28 -8.28
CA SER A 172 -5.51 -2.19 -6.84
C SER A 172 -6.21 -3.33 -6.11
N HIS A 173 -5.56 -3.86 -5.08
CA HIS A 173 -6.21 -4.84 -4.23
C HIS A 173 -7.21 -4.16 -3.31
N VAL A 174 -6.79 -3.09 -2.64
CA VAL A 174 -7.66 -2.26 -1.81
C VAL A 174 -7.38 -0.81 -2.14
N SER A 175 -8.46 -0.04 -2.35
CA SER A 175 -8.32 1.37 -2.68
C SER A 175 -8.08 2.19 -1.43
N ASN A 176 -7.03 3.02 -1.44
CA ASN A 176 -6.71 3.88 -0.31
C ASN A 176 -7.67 5.04 -0.15
N VAL A 177 -8.61 5.22 -1.09
CA VAL A 177 -9.59 6.29 -1.03
C VAL A 177 -10.98 5.75 -0.73
N LEU A 178 -11.48 4.84 -1.57
CA LEU A 178 -12.83 4.32 -1.40
C LEU A 178 -12.93 3.24 -0.33
N GLY A 179 -11.80 2.63 0.04
CA GLY A 179 -11.82 1.47 0.92
C GLY A 179 -12.29 0.19 0.26
N THR A 180 -12.54 0.22 -1.05
CA THR A 180 -13.04 -0.95 -1.75
C THR A 180 -12.01 -2.06 -1.77
N VAL A 181 -12.46 -3.28 -1.52
CA VAL A 181 -11.65 -4.49 -1.70
C VAL A 181 -12.04 -5.09 -3.04
N ASN A 182 -11.12 -5.07 -4.00
CA ASN A 182 -11.46 -5.48 -5.35
C ASN A 182 -11.39 -7.00 -5.50
N PRO A 183 -12.23 -7.57 -6.37
CA PRO A 183 -12.21 -9.02 -6.58
C PRO A 183 -10.98 -9.46 -7.36
N ILE A 184 -9.84 -9.55 -6.67
CA ILE A 184 -8.56 -9.75 -7.35
C ILE A 184 -8.49 -11.14 -7.98
N LYS A 185 -8.98 -12.16 -7.29
CA LYS A 185 -8.90 -13.52 -7.80
C LYS A 185 -9.72 -13.69 -9.08
N GLU A 186 -10.96 -13.19 -9.06
CA GLU A 186 -11.82 -13.29 -10.24
C GLU A 186 -11.25 -12.49 -11.40
N MET A 187 -10.72 -11.29 -11.12
CA MET A 187 -10.11 -10.50 -12.17
C MET A 187 -8.86 -11.17 -12.72
N ALA A 188 -8.12 -11.90 -11.88
CA ALA A 188 -6.96 -12.64 -12.37
C ALA A 188 -7.39 -13.76 -13.31
N LYS A 189 -8.45 -14.49 -12.94
CA LYS A 189 -8.98 -15.51 -13.84
C LYS A 189 -9.46 -14.90 -15.16
N ILE A 190 -10.11 -13.75 -15.10
CA ILE A 190 -10.60 -13.09 -16.30
C ILE A 190 -9.44 -12.67 -17.19
N ALA A 191 -8.41 -12.08 -16.60
CA ALA A 191 -7.24 -11.65 -17.37
C ALA A 191 -6.52 -12.84 -17.99
N HIS A 192 -6.41 -13.94 -17.25
CA HIS A 192 -5.76 -15.13 -17.80
C HIS A 192 -6.58 -15.74 -18.93
N ASP A 193 -7.91 -15.66 -18.85
CA ASP A 193 -8.74 -16.18 -19.93
C ASP A 193 -8.55 -15.43 -21.23
N ASN A 194 -8.09 -14.18 -21.18
CA ASN A 194 -7.87 -13.38 -22.37
C ASN A 194 -6.41 -13.30 -22.79
N GLY A 195 -5.52 -14.04 -22.12
CA GLY A 195 -4.12 -14.02 -22.45
C GLY A 195 -3.33 -12.89 -21.82
N ALA A 196 -3.83 -12.27 -20.75
CA ALA A 196 -3.18 -11.16 -20.10
C ALA A 196 -2.63 -11.60 -18.74
N VAL A 197 -1.61 -10.88 -18.27
CA VAL A 197 -1.11 -11.05 -16.91
C VAL A 197 -1.83 -10.04 -16.03
N ILE A 198 -1.76 -10.22 -14.72
CA ILE A 198 -2.39 -9.30 -13.77
C ILE A 198 -1.35 -8.77 -12.81
N VAL A 199 -1.31 -7.45 -12.68
CA VAL A 199 -0.46 -6.74 -11.72
C VAL A 199 -1.37 -6.20 -10.63
N VAL A 200 -1.04 -6.52 -9.38
CA VAL A 200 -1.85 -6.16 -8.23
C VAL A 200 -1.07 -5.19 -7.36
N ASP A 201 -1.58 -3.97 -7.26
CA ASP A 201 -1.09 -2.98 -6.31
C ASP A 201 -1.65 -3.36 -4.94
N GLY A 202 -0.81 -3.97 -4.11
CA GLY A 202 -1.24 -4.40 -2.79
C GLY A 202 -0.65 -3.58 -1.66
N ALA A 203 -0.38 -2.30 -1.93
CA ALA A 203 0.20 -1.45 -0.90
C ALA A 203 -0.76 -1.23 0.26
N GLN A 204 -2.06 -1.10 -0.03
CA GLN A 204 -3.07 -0.85 0.99
C GLN A 204 -3.67 -2.14 1.55
N SER A 205 -3.52 -3.27 0.85
CA SER A 205 -4.07 -4.53 1.32
C SER A 205 -3.10 -5.28 2.23
N THR A 206 -1.85 -5.39 1.82
CA THR A 206 -0.85 -6.16 2.57
C THR A 206 -0.79 -5.84 4.05
N PRO A 207 -0.81 -4.57 4.50
CA PRO A 207 -0.71 -4.32 5.95
C PRO A 207 -1.90 -4.81 6.74
N HIS A 208 -3.08 -4.91 6.12
CA HIS A 208 -4.33 -5.03 6.86
C HIS A 208 -5.07 -6.34 6.65
N MET A 209 -4.61 -7.21 5.75
CA MET A 209 -5.29 -8.48 5.50
C MET A 209 -4.27 -9.49 4.99
N LYS A 210 -4.61 -10.76 5.17
CA LYS A 210 -3.72 -11.84 4.75
C LYS A 210 -3.63 -11.88 3.22
N ILE A 211 -2.41 -12.07 2.72
CA ILE A 211 -2.13 -12.15 1.29
C ILE A 211 -1.70 -13.58 0.97
N ASP A 212 -2.50 -14.26 0.14
CA ASP A 212 -2.15 -15.59 -0.36
C ASP A 212 -1.95 -15.46 -1.87
N VAL A 213 -0.69 -15.36 -2.28
CA VAL A 213 -0.37 -15.08 -3.67
C VAL A 213 -0.74 -16.26 -4.57
N GLN A 214 -0.69 -17.48 -4.03
CA GLN A 214 -1.05 -18.65 -4.82
C GLN A 214 -2.56 -18.79 -4.97
N ASP A 215 -3.32 -18.28 -4.01
CA ASP A 215 -4.77 -18.32 -4.11
C ASP A 215 -5.30 -17.18 -4.98
N LEU A 216 -4.69 -16.00 -4.91
CA LEU A 216 -5.08 -14.90 -5.79
C LEU A 216 -4.66 -15.15 -7.23
N ASP A 217 -3.64 -15.99 -7.44
CA ASP A 217 -3.09 -16.27 -8.77
C ASP A 217 -2.67 -14.99 -9.49
N CYS A 218 -2.25 -13.98 -8.74
CA CYS A 218 -1.72 -12.78 -9.37
C CYS A 218 -0.37 -13.07 -10.01
N ASP A 219 -0.10 -12.37 -11.11
CA ASP A 219 1.18 -12.52 -11.80
C ASP A 219 2.24 -11.61 -11.20
N PHE A 220 1.85 -10.40 -10.80
CA PHE A 220 2.74 -9.52 -10.06
C PHE A 220 1.98 -8.93 -8.88
N PHE A 221 2.70 -8.67 -7.79
CA PHE A 221 2.10 -8.13 -6.57
C PHE A 221 3.11 -7.18 -5.93
N ALA A 222 2.70 -5.94 -5.70
CA ALA A 222 3.59 -4.93 -5.14
C ALA A 222 3.14 -4.51 -3.75
N LEU A 223 4.10 -4.31 -2.84
CA LEU A 223 3.76 -3.89 -1.49
C LEU A 223 4.84 -2.98 -0.94
N SER A 224 4.46 -2.18 0.06
CA SER A 224 5.34 -1.20 0.69
C SER A 224 5.51 -1.49 2.17
N SER A 225 6.75 -1.42 2.65
CA SER A 225 7.02 -1.71 4.06
C SER A 225 6.52 -0.63 4.99
N HIS A 226 6.58 0.65 4.58
CA HIS A 226 6.22 1.74 5.46
C HIS A 226 4.74 1.73 5.84
N LYS A 227 3.90 1.05 5.06
CA LYS A 227 2.48 0.97 5.38
C LYS A 227 2.15 -0.17 6.34
N MET A 228 3.08 -1.09 6.57
CA MET A 228 2.81 -2.26 7.38
C MET A 228 3.76 -2.37 8.57
N CYS A 229 3.94 -1.27 9.30
CA CYS A 229 4.74 -1.21 10.53
C CYS A 229 6.22 -1.40 10.27
N GLY A 230 6.66 -1.35 9.02
CA GLY A 230 8.05 -1.57 8.68
C GLY A 230 8.78 -0.29 8.34
N PRO A 231 10.09 -0.38 8.15
CA PRO A 231 10.90 0.83 7.86
C PRO A 231 10.52 1.46 6.53
N THR A 232 10.82 2.75 6.42
CA THR A 232 10.61 3.45 5.16
C THR A 232 11.66 3.03 4.13
N GLY A 233 11.35 3.29 2.86
CA GLY A 233 12.30 3.10 1.79
C GLY A 233 12.49 1.69 1.31
N VAL A 234 11.63 0.76 1.71
CA VAL A 234 11.74 -0.63 1.27
C VAL A 234 10.35 -1.15 0.93
N GLY A 235 10.27 -1.96 -0.12
CA GLY A 235 9.05 -2.61 -0.52
C GLY A 235 9.39 -3.94 -1.16
N VAL A 236 8.37 -4.61 -1.68
CA VAL A 236 8.54 -5.92 -2.29
C VAL A 236 7.81 -5.97 -3.62
N LEU A 237 8.48 -6.53 -4.62
CA LEU A 237 7.86 -6.96 -5.87
C LEU A 237 7.85 -8.48 -5.91
N TYR A 238 6.66 -9.07 -5.93
CA TYR A 238 6.50 -10.47 -6.24
C TYR A 238 6.16 -10.60 -7.71
N GLY A 239 6.80 -11.55 -8.38
CA GLY A 239 6.40 -11.94 -9.71
C GLY A 239 6.52 -13.45 -9.85
N LYS A 240 5.61 -14.02 -10.63
CA LYS A 240 5.71 -15.44 -10.95
C LYS A 240 7.08 -15.72 -11.54
N LYS A 241 7.72 -16.80 -11.05
CA LYS A 241 9.11 -17.06 -11.40
C LYS A 241 9.30 -17.17 -12.90
N ALA A 242 8.36 -17.82 -13.59
CA ALA A 242 8.47 -17.95 -15.05
C ALA A 242 8.46 -16.60 -15.74
N LEU A 243 7.71 -15.63 -15.21
CA LEU A 243 7.70 -14.30 -15.80
C LEU A 243 8.99 -13.54 -15.49
N LEU A 244 9.47 -13.63 -14.25
CA LEU A 244 10.68 -12.92 -13.86
C LEU A 244 11.92 -13.47 -14.57
N GLU A 245 11.90 -14.75 -14.94
CA GLU A 245 13.04 -15.32 -15.66
C GLU A 245 13.17 -14.73 -17.05
N ASN A 246 12.07 -14.33 -17.67
CA ASN A 246 12.08 -13.80 -19.02
C ASN A 246 12.22 -12.28 -19.08
N MET A 247 12.10 -11.59 -17.94
CA MET A 247 12.22 -10.14 -17.91
C MET A 247 13.68 -9.75 -17.73
N GLU A 248 14.10 -8.72 -18.46
CA GLU A 248 15.43 -8.16 -18.29
C GLU A 248 15.45 -7.24 -17.07
N PRO A 249 16.62 -7.04 -16.46
CA PRO A 249 16.68 -6.20 -15.26
C PRO A 249 16.34 -4.75 -15.56
N ALA A 250 15.75 -4.09 -14.55
CA ALA A 250 15.46 -2.67 -14.65
C ALA A 250 16.67 -1.82 -14.29
N GLU A 251 17.51 -2.31 -13.40
CA GLU A 251 18.72 -1.62 -12.99
C GLU A 251 19.94 -2.50 -13.24
N PHE A 252 21.08 -1.86 -13.43
CA PHE A 252 22.32 -2.56 -13.75
C PHE A 252 23.44 -2.07 -12.85
N GLY A 253 24.29 -2.99 -12.43
CA GLY A 253 25.41 -2.65 -11.57
C GLY A 253 25.95 -3.89 -10.88
N GLY A 254 26.64 -3.67 -9.78
CA GLY A 254 27.16 -4.77 -9.00
C GLY A 254 26.05 -5.58 -8.35
N GLU A 255 26.44 -6.77 -7.85
CA GLU A 255 25.59 -7.68 -7.11
C GLU A 255 24.56 -8.39 -7.99
N MET A 256 24.16 -7.78 -9.10
CA MET A 256 23.21 -8.39 -10.02
C MET A 256 23.87 -8.99 -11.25
N ILE A 257 25.19 -8.97 -11.33
CA ILE A 257 25.91 -9.46 -12.49
C ILE A 257 26.50 -10.83 -12.19
N ASP A 258 26.73 -11.61 -13.25
CA ASP A 258 27.48 -12.84 -13.18
C ASP A 258 28.87 -12.64 -13.77
N PHE A 259 28.96 -12.47 -15.09
CA PHE A 259 30.20 -12.13 -15.77
C PHE A 259 30.09 -10.71 -16.31
N VAL A 260 31.19 -9.96 -16.23
CA VAL A 260 31.25 -8.58 -16.71
C VAL A 260 32.41 -8.47 -17.68
N GLY A 261 32.09 -8.28 -18.97
CA GLY A 261 33.09 -7.94 -19.97
C GLY A 261 33.15 -6.44 -20.20
N LEU A 262 33.99 -6.07 -21.17
CA LEU A 262 34.12 -4.65 -21.51
C LEU A 262 32.82 -4.10 -22.07
N TYR A 263 32.09 -4.89 -22.87
CA TYR A 263 30.89 -4.42 -23.52
C TYR A 263 29.64 -5.24 -23.23
N GLU A 264 29.77 -6.47 -22.73
CA GLU A 264 28.63 -7.32 -22.46
C GLU A 264 28.76 -7.97 -21.08
N SER A 265 27.62 -8.27 -20.48
CA SER A 265 27.57 -8.86 -19.15
C SER A 265 26.39 -9.80 -19.05
N THR A 266 26.51 -10.76 -18.13
CA THR A 266 25.43 -11.70 -17.82
C THR A 266 24.94 -11.44 -16.40
N TRP A 267 23.69 -11.83 -16.15
CA TRP A 267 23.02 -11.50 -14.90
C TRP A 267 23.03 -12.69 -13.94
N LYS A 268 22.86 -12.37 -12.66
CA LYS A 268 22.68 -13.39 -11.63
C LYS A 268 21.34 -14.10 -11.83
N GLU A 269 21.19 -15.22 -11.13
CA GLU A 269 19.89 -15.88 -11.06
C GLU A 269 18.92 -15.04 -10.23
N LEU A 270 17.65 -15.41 -10.28
CA LEU A 270 16.67 -14.75 -9.44
C LEU A 270 16.93 -15.07 -7.98
N PRO A 271 16.59 -14.14 -7.06
CA PRO A 271 16.01 -12.83 -7.32
C PRO A 271 17.04 -11.73 -7.51
N TRP A 272 18.31 -12.05 -7.28
CA TRP A 272 19.36 -11.03 -7.27
C TRP A 272 19.55 -10.37 -8.64
N LYS A 273 18.99 -10.96 -9.70
CA LYS A 273 19.02 -10.31 -11.01
C LYS A 273 18.38 -8.93 -10.97
N PHE A 274 17.40 -8.72 -10.08
CA PHE A 274 16.66 -7.47 -10.01
C PHE A 274 17.07 -6.61 -8.81
N GLU A 275 18.21 -6.89 -8.19
CA GLU A 275 18.68 -6.14 -7.02
C GLU A 275 20.11 -5.65 -7.31
N ALA A 276 20.20 -4.44 -7.85
CA ALA A 276 21.48 -3.86 -8.23
C ALA A 276 22.07 -3.03 -7.08
N GLY A 277 23.39 -3.09 -6.94
CA GLY A 277 24.07 -2.33 -5.91
C GLY A 277 23.86 -2.92 -4.52
N THR A 278 24.39 -2.21 -3.53
CA THR A 278 24.21 -2.63 -2.15
C THR A 278 22.74 -2.54 -1.79
N PRO A 279 22.14 -3.61 -1.30
CA PRO A 279 20.69 -3.62 -1.06
C PRO A 279 20.31 -2.84 0.20
N ILE A 280 19.01 -2.74 0.43
CA ILE A 280 18.45 -2.07 1.60
C ILE A 280 18.48 -3.03 2.78
N ILE A 281 19.67 -3.22 3.35
CA ILE A 281 19.88 -4.31 4.29
C ILE A 281 19.07 -4.10 5.57
N ALA A 282 19.35 -3.00 6.28
CA ALA A 282 18.64 -2.74 7.53
C ALA A 282 17.14 -2.64 7.31
N GLY A 283 16.72 -1.96 6.24
CA GLY A 283 15.30 -1.82 5.98
C GLY A 283 14.61 -3.15 5.74
N ALA A 284 15.26 -4.04 4.98
CA ALA A 284 14.66 -5.35 4.72
C ALA A 284 14.60 -6.19 5.99
N ILE A 285 15.65 -6.14 6.82
CA ILE A 285 15.62 -6.89 8.08
C ILE A 285 14.52 -6.35 8.99
N GLY A 286 14.33 -5.02 9.01
CA GLY A 286 13.25 -4.45 9.78
C GLY A 286 11.87 -4.80 9.24
N LEU A 287 11.75 -4.92 7.91
CA LEU A 287 10.49 -5.38 7.34
C LEU A 287 10.21 -6.81 7.75
N GLY A 288 11.24 -7.66 7.81
CA GLY A 288 11.06 -9.00 8.34
C GLY A 288 10.60 -8.99 9.79
N ALA A 289 11.17 -8.08 10.59
CA ALA A 289 10.72 -7.94 11.97
C ALA A 289 9.26 -7.52 12.04
N ALA A 290 8.85 -6.58 11.18
CA ALA A 290 7.47 -6.15 11.14
C ALA A 290 6.55 -7.30 10.75
N ILE A 291 7.01 -8.15 9.83
CA ILE A 291 6.23 -9.33 9.44
C ILE A 291 6.07 -10.26 10.64
N ASP A 292 7.16 -10.50 11.37
CA ASP A 292 7.07 -11.33 12.57
C ASP A 292 6.06 -10.76 13.56
N PHE A 293 6.09 -9.43 13.75
CA PHE A 293 5.16 -8.77 14.67
C PHE A 293 3.71 -8.97 14.23
N LEU A 294 3.41 -8.67 12.97
CA LEU A 294 2.05 -8.79 12.46
C LEU A 294 1.56 -10.23 12.51
N GLU A 295 2.44 -11.19 12.19
CA GLU A 295 2.04 -12.59 12.20
C GLU A 295 1.85 -13.11 13.61
N GLU A 296 2.62 -12.61 14.58
CA GLU A 296 2.37 -12.97 15.97
C GLU A 296 1.01 -12.43 16.42
N ILE A 297 0.64 -11.24 15.97
CA ILE A 297 -0.70 -10.75 16.28
C ILE A 297 -1.74 -11.51 15.46
N GLY A 298 -1.47 -11.75 14.18
CA GLY A 298 -2.42 -12.43 13.32
C GLY A 298 -3.13 -11.48 12.37
N LEU A 299 -2.97 -11.71 11.06
CA LEU A 299 -3.53 -10.79 10.09
C LEU A 299 -5.05 -10.86 10.05
N ASP A 300 -5.61 -12.06 10.25
CA ASP A 300 -7.07 -12.18 10.33
C ASP A 300 -7.62 -11.39 11.51
N GLU A 301 -6.91 -11.43 12.64
CA GLU A 301 -7.31 -10.62 13.80
C GLU A 301 -7.29 -9.13 13.46
N ILE A 302 -6.20 -8.67 12.84
CA ILE A 302 -6.09 -7.26 12.47
C ILE A 302 -7.22 -6.86 11.53
N SER A 303 -7.55 -7.73 10.58
CA SER A 303 -8.62 -7.42 9.63
C SER A 303 -9.98 -7.38 10.31
N ARG A 304 -10.23 -8.27 11.27
CA ARG A 304 -11.49 -8.23 12.01
C ARG A 304 -11.59 -6.96 12.85
N HIS A 305 -10.47 -6.57 13.49
CA HIS A 305 -10.46 -5.32 14.26
C HIS A 305 -10.75 -4.13 13.36
N GLU A 306 -10.14 -4.11 12.17
CA GLU A 306 -10.38 -3.00 11.25
C GLU A 306 -11.80 -3.03 10.70
N HIS A 307 -12.40 -4.21 10.55
CA HIS A 307 -13.80 -4.28 10.15
C HIS A 307 -14.71 -3.70 11.22
N LYS A 308 -14.44 -4.04 12.49
CA LYS A 308 -15.18 -3.42 13.59
C LYS A 308 -15.03 -1.90 13.56
N LEU A 309 -13.79 -1.41 13.41
CA LEU A 309 -13.55 0.02 13.38
C LEU A 309 -14.25 0.68 12.22
N ALA A 310 -14.25 0.04 11.04
CA ALA A 310 -14.87 0.63 9.86
C ALA A 310 -16.38 0.69 9.99
N ALA A 311 -17.00 -0.39 10.47
CA ALA A 311 -18.44 -0.37 10.68
C ALA A 311 -18.83 0.69 11.71
N TYR A 312 -18.10 0.75 12.83
CA TYR A 312 -18.37 1.76 13.85
C TYR A 312 -18.23 3.16 13.27
N ALA A 313 -17.16 3.41 12.50
CA ALA A 313 -16.93 4.74 11.95
C ALA A 313 -18.00 5.10 10.94
N LEU A 314 -18.41 4.16 10.09
CA LEU A 314 -19.47 4.45 9.13
C LEU A 314 -20.78 4.81 9.85
N GLU A 315 -21.14 4.04 10.88
CA GLU A 315 -22.35 4.34 11.62
C GLU A 315 -22.28 5.71 12.28
N ARG A 316 -21.15 6.02 12.91
CA ARG A 316 -21.03 7.30 13.61
C ARG A 316 -20.96 8.48 12.64
N PHE A 317 -20.38 8.27 11.45
CA PHE A 317 -20.40 9.30 10.42
C PHE A 317 -21.81 9.55 9.93
N ARG A 318 -22.60 8.48 9.77
CA ARG A 318 -23.99 8.65 9.36
C ARG A 318 -24.83 9.39 10.39
N GLN A 319 -24.36 9.47 11.64
CA GLN A 319 -25.04 10.27 12.66
C GLN A 319 -24.77 11.76 12.51
N LEU A 320 -23.78 12.14 11.70
CA LEU A 320 -23.44 13.54 11.49
C LEU A 320 -24.21 14.08 10.28
N ASP A 321 -24.78 15.27 10.44
CA ASP A 321 -25.46 15.91 9.32
C ASP A 321 -24.44 16.69 8.49
N GLY A 322 -24.70 16.76 7.19
CA GLY A 322 -23.82 17.53 6.31
C GLY A 322 -22.44 16.92 6.09
N VAL A 323 -22.34 15.59 6.15
CA VAL A 323 -21.09 14.90 5.91
C VAL A 323 -21.31 13.83 4.85
N THR A 324 -20.50 13.86 3.79
CA THR A 324 -20.59 12.91 2.69
C THR A 324 -19.44 11.92 2.79
N VAL A 325 -19.75 10.63 2.72
CA VAL A 325 -18.77 9.55 2.74
C VAL A 325 -18.74 8.90 1.37
N TYR A 326 -17.54 8.64 0.86
CA TYR A 326 -17.37 8.04 -0.46
C TYR A 326 -16.94 6.58 -0.33
N GLY A 327 -17.55 5.72 -1.13
CA GLY A 327 -17.19 4.33 -1.16
C GLY A 327 -18.32 3.40 -0.75
N PRO A 328 -18.06 2.10 -0.75
CA PRO A 328 -19.09 1.12 -0.41
C PRO A 328 -19.20 0.91 1.09
N GLU A 329 -20.24 0.17 1.48
CA GLU A 329 -20.44 -0.17 2.88
C GLU A 329 -19.40 -1.18 3.34
N GLU A 330 -19.23 -2.27 2.60
CA GLU A 330 -18.19 -3.25 2.87
C GLU A 330 -16.85 -2.67 2.41
N ARG A 331 -15.92 -2.48 3.35
CA ARG A 331 -14.73 -1.71 3.05
C ARG A 331 -13.61 -2.09 4.00
N ALA A 332 -12.41 -1.63 3.67
CA ALA A 332 -11.27 -1.73 4.56
C ALA A 332 -11.37 -0.65 5.64
N GLY A 333 -10.34 -0.57 6.49
CA GLY A 333 -10.38 0.33 7.63
C GLY A 333 -10.03 1.78 7.32
N LEU A 334 -10.87 2.45 6.55
CA LEU A 334 -10.66 3.86 6.25
C LEU A 334 -11.97 4.48 5.81
N VAL A 335 -12.09 5.79 6.03
CA VAL A 335 -13.26 6.57 5.64
C VAL A 335 -12.77 7.84 4.95
N THR A 336 -13.11 7.98 3.68
CA THR A 336 -12.89 9.21 2.93
C THR A 336 -14.21 9.98 2.85
N PHE A 337 -14.16 11.27 3.15
CA PHE A 337 -15.36 12.03 3.40
C PHE A 337 -15.12 13.50 3.06
N ASN A 338 -16.18 14.29 3.26
CA ASN A 338 -16.14 15.73 3.08
C ASN A 338 -17.23 16.35 3.93
N LEU A 339 -16.93 17.52 4.50
CA LEU A 339 -17.94 18.31 5.21
C LEU A 339 -18.60 19.28 4.24
N ASP A 340 -19.90 19.44 4.39
CA ASP A 340 -20.63 20.38 3.54
C ASP A 340 -20.16 21.80 3.82
N ASP A 341 -19.77 22.50 2.77
CA ASP A 341 -19.35 23.91 2.81
C ASP A 341 -18.09 24.14 3.64
N VAL A 342 -17.32 23.09 3.90
CA VAL A 342 -16.03 23.22 4.59
C VAL A 342 -14.99 22.49 3.75
N HIS A 343 -13.95 23.20 3.34
CA HIS A 343 -12.89 22.58 2.57
C HIS A 343 -12.15 21.55 3.43
N PRO A 344 -11.80 20.39 2.87
CA PRO A 344 -11.15 19.35 3.69
C PRO A 344 -9.83 19.79 4.31
N HIS A 345 -9.12 20.73 3.68
CA HIS A 345 -7.89 21.23 4.27
C HIS A 345 -8.14 21.92 5.61
N ASP A 346 -9.19 22.74 5.67
CA ASP A 346 -9.54 23.39 6.93
C ASP A 346 -10.03 22.37 7.94
N VAL A 347 -10.76 21.34 7.47
CA VAL A 347 -11.17 20.25 8.35
C VAL A 347 -9.94 19.62 9.01
N ALA A 348 -8.93 19.31 8.19
CA ALA A 348 -7.73 18.66 8.71
C ALA A 348 -6.95 19.59 9.65
N THR A 349 -6.93 20.88 9.34
CA THR A 349 -6.26 21.84 10.22
C THR A 349 -6.93 21.88 11.58
N VAL A 350 -8.25 22.05 11.60
CA VAL A 350 -8.98 22.11 12.87
C VAL A 350 -8.83 20.79 13.64
N LEU A 351 -8.81 19.67 12.92
CA LEU A 351 -8.64 18.38 13.57
C LEU A 351 -7.25 18.25 14.19
N ASP A 352 -6.22 18.72 13.49
CA ASP A 352 -4.88 18.72 14.05
C ASP A 352 -4.78 19.61 15.29
N ALA A 353 -5.53 20.72 15.30
CA ALA A 353 -5.61 21.53 16.50
C ALA A 353 -6.14 20.75 17.69
N GLU A 354 -6.92 19.69 17.45
CA GLU A 354 -7.41 18.80 18.50
C GLU A 354 -6.54 17.57 18.67
N GLY A 355 -5.35 17.55 18.09
CA GLY A 355 -4.45 16.42 18.16
C GLY A 355 -4.76 15.29 17.21
N ILE A 356 -5.73 15.47 16.31
CA ILE A 356 -6.19 14.41 15.40
C ILE A 356 -5.49 14.56 14.06
N ALA A 357 -4.85 13.49 13.61
CA ALA A 357 -4.09 13.50 12.36
C ALA A 357 -4.89 12.74 11.30
N VAL A 358 -5.45 13.50 10.35
CA VAL A 358 -6.08 12.90 9.18
C VAL A 358 -5.40 13.45 7.93
N ARG A 359 -5.89 13.01 6.76
CA ARG A 359 -5.38 13.39 5.45
C ARG A 359 -6.35 14.33 4.73
N ALA A 360 -5.81 15.35 4.06
CA ALA A 360 -6.65 16.16 3.16
C ALA A 360 -5.94 16.39 1.84
N GLY A 361 -6.66 16.20 0.75
CA GLY A 361 -6.10 16.43 -0.58
C GLY A 361 -6.74 15.49 -1.60
N HIS A 362 -5.93 15.07 -2.58
CA HIS A 362 -6.40 14.20 -3.65
C HIS A 362 -5.96 12.75 -3.48
N HIS A 363 -5.11 12.46 -2.49
CA HIS A 363 -4.71 11.09 -2.13
C HIS A 363 -4.06 10.35 -3.30
N CYS A 364 -3.31 11.08 -4.15
CA CYS A 364 -2.61 10.49 -5.28
C CYS A 364 -3.57 9.74 -6.22
N ALA A 365 -4.78 10.28 -6.38
CA ALA A 365 -5.80 9.66 -7.23
C ALA A 365 -6.66 10.77 -7.84
N GLN A 366 -6.07 11.52 -8.77
CA GLN A 366 -6.79 12.63 -9.38
C GLN A 366 -7.93 12.17 -10.29
N PRO A 367 -7.76 11.18 -11.17
CA PRO A 367 -8.92 10.72 -11.96
C PRO A 367 -10.06 10.22 -11.11
N LEU A 368 -9.77 9.60 -9.97
CA LEU A 368 -10.85 9.19 -9.07
C LEU A 368 -11.54 10.40 -8.47
N MET A 369 -10.78 11.43 -8.09
CA MET A 369 -11.38 12.66 -7.58
C MET A 369 -12.30 13.28 -8.62
N LYS A 370 -11.89 13.28 -9.89
CA LYS A 370 -12.77 13.79 -10.94
C LYS A 370 -13.98 12.89 -11.13
N TRP A 371 -13.82 11.57 -10.98
CA TRP A 371 -14.97 10.67 -11.05
C TRP A 371 -15.92 10.91 -9.89
N LEU A 372 -15.38 11.24 -8.72
CA LEU A 372 -16.19 11.60 -7.56
C LEU A 372 -16.75 13.02 -7.66
N ASP A 373 -16.37 13.78 -8.69
CA ASP A 373 -16.82 15.16 -8.88
C ASP A 373 -16.46 16.04 -7.68
N VAL A 374 -15.24 15.86 -7.17
CA VAL A 374 -14.73 16.67 -6.07
C VAL A 374 -13.29 17.09 -6.39
N THR A 375 -12.88 18.21 -5.80
CA THR A 375 -11.51 18.67 -5.94
C THR A 375 -10.59 18.04 -4.89
N ALA A 376 -11.06 17.91 -3.67
CA ALA A 376 -10.27 17.33 -2.59
C ALA A 376 -11.21 16.69 -1.59
N THR A 377 -10.66 15.79 -0.77
CA THR A 377 -11.41 15.11 0.27
C THR A 377 -10.55 15.02 1.53
N ALA A 378 -11.18 14.63 2.63
CA ALA A 378 -10.49 14.27 3.84
C ALA A 378 -10.58 12.76 4.03
N ARG A 379 -9.66 12.22 4.82
CA ARG A 379 -9.59 10.77 5.00
C ARG A 379 -9.04 10.45 6.38
N ALA A 380 -9.75 9.58 7.09
CA ALA A 380 -9.28 9.00 8.34
C ALA A 380 -9.08 7.51 8.12
N SER A 381 -7.85 7.04 8.33
CA SER A 381 -7.50 5.65 8.09
C SER A 381 -7.03 5.00 9.39
N PHE A 382 -7.33 3.73 9.53
CA PHE A 382 -7.13 3.01 10.78
C PHE A 382 -6.08 1.91 10.62
N TYR A 383 -5.54 1.48 11.74
CA TYR A 383 -4.65 0.32 11.80
C TYR A 383 -4.87 -0.39 13.13
N LEU A 384 -3.98 -1.31 13.46
CA LEU A 384 -4.14 -2.21 14.59
C LEU A 384 -4.05 -1.51 15.94
N TYR A 385 -3.57 -0.28 15.98
CA TYR A 385 -3.43 0.45 17.24
C TYR A 385 -4.52 1.49 17.46
N ASN A 386 -5.54 1.51 16.61
CA ASN A 386 -6.60 2.50 16.72
C ASN A 386 -7.81 1.90 17.44
N THR A 387 -8.57 2.76 18.11
CA THR A 387 -9.68 2.36 18.95
C THR A 387 -10.96 3.08 18.55
N GLU A 388 -12.08 2.61 19.11
CA GLU A 388 -13.36 3.26 18.88
C GLU A 388 -13.45 4.59 19.61
N GLU A 389 -12.71 4.75 20.72
CA GLU A 389 -12.68 6.03 21.41
C GLU A 389 -12.03 7.10 20.53
N GLU A 390 -11.01 6.72 19.77
CA GLU A 390 -10.40 7.68 18.84
C GLU A 390 -11.38 8.07 17.74
N ILE A 391 -12.22 7.13 17.30
CA ILE A 391 -13.24 7.45 16.30
C ILE A 391 -14.30 8.35 16.92
N ASP A 392 -14.61 8.16 18.20
CA ASP A 392 -15.51 9.08 18.90
C ASP A 392 -14.92 10.48 18.94
N LYS A 393 -13.63 10.59 19.26
CA LYS A 393 -12.96 11.89 19.23
C LYS A 393 -13.04 12.52 17.85
N LEU A 394 -12.86 11.69 16.81
CA LEU A 394 -12.92 12.20 15.44
C LEU A 394 -14.30 12.75 15.11
N VAL A 395 -15.35 12.00 15.44
CA VAL A 395 -16.70 12.45 15.07
C VAL A 395 -17.12 13.64 15.92
N GLU A 396 -16.70 13.71 17.18
CA GLU A 396 -16.98 14.89 17.99
C GLU A 396 -16.25 16.11 17.46
N ALA A 397 -15.00 15.95 17.04
CA ALA A 397 -14.27 17.05 16.44
C ALA A 397 -14.89 17.49 15.13
N LEU A 398 -15.43 16.54 14.35
CA LEU A 398 -16.09 16.91 13.10
C LEU A 398 -17.37 17.68 13.36
N GLN A 399 -18.14 17.26 14.37
CA GLN A 399 -19.34 18.00 14.75
C GLN A 399 -18.99 19.41 15.22
N LYS A 400 -17.93 19.54 16.03
CA LYS A 400 -17.52 20.86 16.49
C LYS A 400 -16.98 21.71 15.35
N THR A 401 -16.30 21.10 14.38
CA THR A 401 -15.85 21.84 13.20
C THR A 401 -17.04 22.35 12.41
N LYS A 402 -18.04 21.50 12.20
CA LYS A 402 -19.27 21.93 11.57
C LYS A 402 -19.86 23.14 12.29
N GLU A 403 -20.03 23.02 13.61
CA GLU A 403 -20.64 24.10 14.39
C GLU A 403 -19.82 25.38 14.32
N TYR A 404 -18.49 25.26 14.39
CA TYR A 404 -17.63 26.43 14.37
C TYR A 404 -17.68 27.14 13.03
N PHE A 405 -17.66 26.38 11.93
CA PHE A 405 -17.70 27.00 10.61
C PHE A 405 -19.10 27.51 10.25
N THR A 406 -20.15 26.99 10.88
CA THR A 406 -21.45 27.64 10.74
C THR A 406 -21.54 28.92 11.56
N ASN A 407 -20.90 28.93 12.74
CA ASN A 407 -20.90 30.13 13.56
C ASN A 407 -20.13 31.26 12.88
N VAL A 408 -18.92 30.98 12.40
CA VAL A 408 -18.12 32.00 11.75
C VAL A 408 -18.80 32.52 10.50
N PHE A 409 -19.58 31.66 9.83
CA PHE A 409 -20.24 31.98 8.57
C PHE A 409 -21.07 33.26 8.65
N VAL A 410 -22.14 33.24 9.44
CA VAL A 410 -23.10 34.34 9.49
C VAL A 410 -22.87 35.26 10.71
N ASP A 411 -21.78 35.04 11.44
CA ASP A 411 -21.36 36.03 12.44
C ASP A 411 -20.71 37.24 11.81
N LEU A 412 -20.22 37.12 10.57
CA LEU A 412 -19.84 38.28 9.76
C LEU A 412 -20.82 38.54 8.64
N GLU A 413 -21.87 37.72 8.50
CA GLU A 413 -23.07 38.17 7.82
C GLU A 413 -23.85 39.14 8.71
N HIS A 414 -23.81 38.90 10.02
CA HIS A 414 -24.18 39.90 11.01
C HIS A 414 -23.42 41.19 10.77
N HIS A 415 -22.26 41.11 10.11
CA HIS A 415 -21.53 42.28 9.65
C HIS A 415 -22.02 42.69 8.27
N1 DCS B . -0.72 2.30 -3.92
C2 DCS B . -1.58 2.51 -2.89
C2A DCS B . -2.98 1.84 -2.92
C3 DCS B . -1.21 3.30 -1.81
O3 DCS B . -2.10 3.51 -0.76
C4 DCS B . 0.03 3.88 -1.80
C4A DCS B . 0.45 4.77 -0.59
C5 DCS B . 0.89 3.67 -2.84
C6 DCS B . 0.52 2.88 -3.91
C5A DCS B . 2.31 4.33 -2.82
O4P DCS B . 3.27 3.34 -2.54
P DCS B . 4.76 3.86 -2.06
O1P DCS B . 4.68 5.35 -1.79
O2P DCS B . 5.75 3.61 -3.14
O3P DCS B . 5.18 3.15 -0.79
N DCS B . 0.27 6.20 -0.95
CA DCS B . -0.24 6.96 0.24
C DCS B . 0.20 8.25 0.18
O DCS B . 1.29 8.62 -0.08
ND DCS B . -0.96 9.12 0.51
OG DCS B . -2.17 8.21 0.78
CB DCS B . -1.84 7.02 0.19
C1 PGE C . 23.88 -15.87 -5.52
O1 PGE C . 24.72 -16.52 -6.44
C2 PGE C . 24.63 -14.70 -4.87
O2 PGE C . 23.73 -13.69 -4.53
C3 PGE C . 24.02 -12.45 -5.10
C4 PGE C . 25.40 -12.01 -4.65
O4 PGE C . 28.76 -11.14 -6.87
C6 PGE C . 28.34 -11.52 -5.58
C5 PGE C . 27.20 -10.60 -5.13
O3 PGE C . 25.97 -11.13 -5.57
C1 PEG D . -8.28 1.47 24.65
O1 PEG D . -8.60 0.11 24.76
C2 PEG D . -6.79 1.67 24.93
O2 PEG D . -6.51 3.04 24.95
C3 PEG D . -6.67 3.66 23.70
C4 PEG D . -6.96 5.15 23.89
O4 PEG D . -7.75 5.59 22.82
#